data_3N9S
#
_entry.id   3N9S
#
_cell.length_a   50.959
_cell.length_b   83.436
_cell.length_c   139.985
_cell.angle_alpha   90.000
_cell.angle_beta   90.000
_cell.angle_gamma   90.000
#
_symmetry.space_group_name_H-M   'P 21 21 21'
#
loop_
_entity.id
_entity.type
_entity.pdbx_description
1 polymer 'Fructose-bisphosphate aldolase'
2 non-polymer '4-{hydroxy[(phosphonooxy)acetyl]amino}butyl dihydrogen phosphate'
3 non-polymer 'ZINC ION'
4 non-polymer 'CALCIUM ION'
5 non-polymer 'SODIUM ION'
6 water water
#
_entity_poly.entity_id   1
_entity_poly.type   'polypeptide(L)'
_entity_poly.pdbx_seq_one_letter_code
;MLVKGNEILLKAHKEGYGVGAFNFVNFEMLNAIFEAGNEENSPLFIQASEGAIKYMGIDMAVGMVKIMCERYPHIPVALH
LDHGTTFESCEKAVKAGFTSVMIDASHHAFEENLELTSKVVKMAHNAGVSVEAELGRLMGIEDNISVDEKDAVLVNPKEA
EQFVKESQVDYLAPAIGTSHGAFKFKGEPKLDFERLQEVKRLTNIPLVLHGASAIPDNVRKSYLDAGGDLKGSKGVPFEF
LQESVKGGINKVNTDTDLRIAFIAEVRKVANEDKSQFDLRKFFSPAQLALKNVVKERMKLLGSANKI
;
_entity_poly.pdbx_strand_id   A,B
#
# COMPACT_ATOMS: atom_id res chain seq x y z
N MET A 1 -8.72 -19.06 3.42
CA MET A 1 -8.86 -18.29 4.67
C MET A 1 -7.52 -18.23 5.35
N LEU A 2 -7.39 -17.33 6.31
CA LEU A 2 -6.18 -17.20 7.12
C LEU A 2 -6.06 -18.45 7.99
N VAL A 3 -4.92 -19.15 7.90
CA VAL A 3 -4.73 -20.39 8.66
C VAL A 3 -3.30 -20.47 9.20
N LYS A 4 -3.09 -21.32 10.21
CA LYS A 4 -1.75 -21.46 10.75
C LYS A 4 -0.83 -22.02 9.68
N GLY A 5 0.42 -21.58 9.69
CA GLY A 5 1.33 -21.87 8.61
C GLY A 5 1.52 -23.37 8.47
N ASN A 6 1.54 -24.07 9.59
CA ASN A 6 1.85 -25.49 9.54
C ASN A 6 0.74 -26.31 8.87
N GLU A 7 -0.48 -25.78 8.79
CA GLU A 7 -1.54 -26.47 8.07
C GLU A 7 -1.26 -26.45 6.56
N ILE A 8 -0.70 -25.35 6.07
CA ILE A 8 -0.31 -25.26 4.66
C ILE A 8 0.94 -26.11 4.36
N LEU A 9 1.98 -26.01 5.19
CA LEU A 9 3.24 -26.69 4.88
C LEU A 9 3.20 -28.19 5.13
N LEU A 10 2.38 -28.66 6.06
CA LEU A 10 2.27 -30.11 6.26
C LEU A 10 1.67 -30.75 5.02
N LYS A 11 0.73 -30.07 4.38
CA LYS A 11 0.16 -30.57 3.12
C LYS A 11 1.25 -30.58 2.04
N ALA A 12 2.04 -29.51 1.95
CA ALA A 12 3.12 -29.42 0.96
C ALA A 12 4.14 -30.54 1.18
N HIS A 13 4.43 -30.79 2.44
CA HIS A 13 5.43 -31.77 2.82
C HIS A 13 4.97 -33.16 2.40
N LYS A 14 3.74 -33.49 2.73
CA LYS A 14 3.20 -34.81 2.45
C LYS A 14 3.05 -35.05 0.96
N GLU A 15 2.70 -34.00 0.21
CA GLU A 15 2.44 -34.16 -1.22
C GLU A 15 3.66 -33.81 -2.08
N GLY A 16 4.71 -33.31 -1.45
CA GLY A 16 5.96 -33.02 -2.14
C GLY A 16 5.94 -31.84 -3.08
N TYR A 17 5.39 -30.70 -2.66
CA TYR A 17 5.54 -29.47 -3.44
C TYR A 17 6.00 -28.32 -2.56
N GLY A 18 6.36 -27.20 -3.18
CA GLY A 18 6.80 -26.03 -2.45
C GLY A 18 5.80 -24.90 -2.54
N VAL A 19 5.71 -24.12 -1.47
CA VAL A 19 4.79 -22.99 -1.42
C VAL A 19 5.60 -21.72 -1.31
N GLY A 20 5.37 -20.79 -2.23
CA GLY A 20 6.05 -19.51 -2.20
C GLY A 20 5.66 -18.70 -0.98
N ALA A 21 6.66 -18.10 -0.35
CA ALA A 21 6.43 -17.19 0.76
C ALA A 21 6.90 -15.83 0.27
N PHE A 22 5.96 -14.92 0.09
CA PHE A 22 6.25 -13.67 -0.63
C PHE A 22 6.18 -12.50 0.31
N ASN A 23 7.20 -11.64 0.27
CA ASN A 23 7.24 -10.50 1.18
C ASN A 23 6.45 -9.34 0.60
N PHE A 24 5.86 -8.56 1.50
CA PHE A 24 5.17 -7.34 1.10
C PHE A 24 5.51 -6.19 2.05
N VAL A 25 5.47 -4.97 1.52
CA VAL A 25 5.69 -3.76 2.31
C VAL A 25 4.55 -2.76 2.14
N ASN A 26 3.61 -3.04 1.23
CA ASN A 26 2.48 -2.11 1.03
C ASN A 26 1.31 -2.74 0.28
N PHE A 27 0.30 -1.93 -0.03
CA PHE A 27 -0.89 -2.46 -0.66
C PHE A 27 -0.64 -3.09 -2.02
N GLU A 28 0.13 -2.43 -2.88
CA GLU A 28 0.32 -2.93 -4.24
C GLU A 28 0.96 -4.32 -4.26
N MET A 29 1.97 -4.53 -3.42
CA MET A 29 2.64 -5.83 -3.38
C MET A 29 1.66 -6.88 -2.91
N LEU A 30 0.95 -6.57 -1.83
CA LEU A 30 -0.04 -7.48 -1.26
C LEU A 30 -1.09 -7.88 -2.28
N ASN A 31 -1.67 -6.89 -2.96
CA ASN A 31 -2.74 -7.16 -3.91
C ASN A 31 -2.26 -8.09 -5.02
N ALA A 32 -1.09 -7.80 -5.57
CA ALA A 32 -0.57 -8.58 -6.70
C ALA A 32 -0.27 -10.02 -6.28
N ILE A 33 0.20 -10.20 -5.06
CA ILE A 33 0.49 -11.54 -4.53
C ILE A 33 -0.79 -12.35 -4.40
N PHE A 34 -1.81 -11.74 -3.81
CA PHE A 34 -3.12 -12.39 -3.69
C PHE A 34 -3.77 -12.68 -5.04
N GLU A 35 -3.75 -11.71 -5.96
CA GLU A 35 -4.32 -12.00 -7.29
C GLU A 35 -3.62 -13.20 -7.95
N ALA A 36 -2.31 -13.32 -7.74
CA ALA A 36 -1.55 -14.46 -8.30
C ALA A 36 -2.05 -15.76 -7.69
N GLY A 37 -2.25 -15.75 -6.38
CA GLY A 37 -2.74 -16.92 -5.69
C GLY A 37 -4.13 -17.30 -6.14
N ASN A 38 -4.96 -16.30 -6.39
CA ASN A 38 -6.30 -16.53 -6.90
C ASN A 38 -6.30 -17.13 -8.31
N GLU A 39 -5.44 -16.63 -9.17
CA GLU A 39 -5.48 -17.07 -10.57
C GLU A 39 -4.83 -18.44 -10.75
N GLU A 40 -3.80 -18.73 -9.97
CA GLU A 40 -3.12 -20.02 -10.04
C GLU A 40 -3.78 -21.05 -9.13
N ASN A 41 -4.79 -20.63 -8.39
CA ASN A 41 -5.43 -21.49 -7.39
C ASN A 41 -4.41 -22.14 -6.47
N SER A 42 -3.60 -21.30 -5.82
CA SER A 42 -2.47 -21.75 -5.06
C SER A 42 -2.53 -21.22 -3.63
N PRO A 43 -2.15 -22.05 -2.66
CA PRO A 43 -1.95 -21.56 -1.29
C PRO A 43 -0.78 -20.58 -1.26
N LEU A 44 -0.67 -19.84 -0.16
CA LEU A 44 0.20 -18.69 -0.09
C LEU A 44 0.75 -18.49 1.30
N PHE A 45 2.04 -18.21 1.42
CA PHE A 45 2.55 -17.57 2.63
C PHE A 45 2.76 -16.10 2.29
N ILE A 46 2.14 -15.24 3.06
CA ILE A 46 2.40 -13.82 2.91
C ILE A 46 3.25 -13.38 4.12
N GLN A 47 4.41 -12.81 3.86
CA GLN A 47 5.30 -12.45 4.97
C GLN A 47 5.69 -10.98 5.05
N ALA A 48 5.94 -10.55 6.27
CA ALA A 48 6.44 -9.20 6.51
C ALA A 48 7.62 -9.30 7.47
N SER A 49 8.72 -8.66 7.10
CA SER A 49 9.87 -8.55 7.99
C SER A 49 9.60 -7.53 9.09
N GLU A 50 10.49 -7.46 10.08
CA GLU A 50 10.33 -6.45 11.11
C GLU A 50 10.42 -5.04 10.54
N GLY A 51 11.30 -4.83 9.58
CA GLY A 51 11.40 -3.54 8.92
C GLY A 51 10.16 -3.17 8.12
N ALA A 52 9.48 -4.16 7.55
CA ALA A 52 8.24 -3.92 6.82
C ALA A 52 7.12 -3.60 7.80
N ILE A 53 7.14 -4.26 8.95
CA ILE A 53 6.18 -3.97 10.01
C ILE A 53 6.39 -2.54 10.51
N LYS A 54 7.64 -2.13 10.68
CA LYS A 54 7.95 -0.75 11.07
C LYS A 54 7.42 0.22 10.03
N TYR A 55 7.62 -0.11 8.77
CA TYR A 55 7.20 0.74 7.68
C TYR A 55 5.68 0.89 7.62
N MET A 56 4.96 -0.21 7.77
CA MET A 56 3.51 -0.19 7.61
C MET A 56 2.76 0.11 8.90
N GLY A 57 3.37 -0.26 10.03
CA GLY A 57 2.64 -0.44 11.28
C GLY A 57 2.01 -1.83 11.32
N ILE A 58 2.19 -2.55 12.42
CA ILE A 58 1.75 -3.94 12.50
C ILE A 58 0.22 -4.03 12.34
N ASP A 59 -0.49 -3.01 12.83
CA ASP A 59 -1.95 -2.97 12.68
C ASP A 59 -2.38 -2.95 11.21
N MET A 60 -1.59 -2.30 10.38
CA MET A 60 -1.94 -2.16 8.96
C MET A 60 -1.52 -3.43 8.22
N ALA A 61 -0.35 -3.96 8.54
CA ALA A 61 0.09 -5.21 7.95
C ALA A 61 -1.01 -6.26 8.13
N VAL A 62 -1.31 -6.57 9.39
CA VAL A 62 -2.32 -7.58 9.68
C VAL A 62 -3.65 -7.17 9.06
N GLY A 63 -4.07 -5.92 9.28
CA GLY A 63 -5.33 -5.44 8.77
C GLY A 63 -5.55 -5.63 7.26
N MET A 64 -4.58 -5.23 6.45
CA MET A 64 -4.68 -5.39 5.01
C MET A 64 -4.74 -6.87 4.65
N VAL A 65 -3.99 -7.69 5.36
CA VAL A 65 -4.00 -9.11 5.06
C VAL A 65 -5.40 -9.69 5.33
N LYS A 66 -5.98 -9.36 6.48
CA LYS A 66 -7.29 -9.91 6.80
C LYS A 66 -8.34 -9.50 5.77
N ILE A 67 -8.25 -8.26 5.29
CA ILE A 67 -9.17 -7.81 4.25
C ILE A 67 -8.99 -8.58 2.95
N MET A 68 -7.75 -8.85 2.58
CA MET A 68 -7.47 -9.64 1.39
C MET A 68 -7.98 -11.07 1.55
N CYS A 69 -7.87 -11.64 2.75
CA CYS A 69 -8.33 -13.00 2.99
C CYS A 69 -9.86 -13.05 2.90
N GLU A 70 -10.51 -11.96 3.30
CA GLU A 70 -11.96 -11.86 3.21
C GLU A 70 -12.40 -11.69 1.77
N ARG A 71 -11.54 -11.05 0.98
CA ARG A 71 -11.80 -10.90 -0.43
C ARG A 71 -11.68 -12.24 -1.17
N TYR A 72 -10.76 -13.08 -0.72
CA TYR A 72 -10.45 -14.36 -1.37
C TYR A 72 -10.43 -15.48 -0.34
N PRO A 73 -11.60 -15.85 0.19
CA PRO A 73 -11.62 -16.80 1.31
C PRO A 73 -11.19 -18.20 0.92
N HIS A 74 -11.18 -18.52 -0.36
CA HIS A 74 -10.83 -19.86 -0.81
C HIS A 74 -9.31 -20.11 -0.79
N ILE A 75 -8.51 -19.05 -0.73
CA ILE A 75 -7.06 -19.20 -0.77
C ILE A 75 -6.50 -19.48 0.65
N PRO A 76 -5.86 -20.64 0.85
CA PRO A 76 -5.21 -20.81 2.16
C PRO A 76 -4.03 -19.88 2.26
N VAL A 77 -4.01 -19.07 3.32
CA VAL A 77 -2.98 -18.05 3.50
C VAL A 77 -2.45 -18.13 4.92
N ALA A 78 -1.13 -18.11 5.06
CA ALA A 78 -0.52 -17.95 6.36
C ALA A 78 0.16 -16.60 6.38
N LEU A 79 -0.11 -15.81 7.43
CA LEU A 79 0.52 -14.52 7.63
C LEU A 79 1.72 -14.72 8.55
N HIS A 80 2.91 -14.44 8.03
CA HIS A 80 4.14 -14.95 8.62
C HIS A 80 5.12 -13.82 8.96
N LEU A 81 5.61 -13.80 10.19
CA LEU A 81 6.67 -12.88 10.55
C LEU A 81 7.99 -13.39 10.03
N ASP A 82 8.61 -12.62 9.13
CA ASP A 82 9.88 -13.03 8.55
C ASP A 82 11.03 -12.50 9.40
N HIS A 83 12.01 -13.36 9.65
CA HIS A 83 13.18 -12.98 10.44
C HIS A 83 12.86 -12.19 11.72
N GLY A 84 12.01 -12.75 12.57
CA GLY A 84 11.88 -12.25 13.93
C GLY A 84 13.21 -12.37 14.66
N THR A 85 13.61 -11.34 15.40
CA THR A 85 14.94 -11.31 16.00
C THR A 85 14.94 -11.47 17.53
N THR A 86 13.77 -11.38 18.14
CA THR A 86 13.68 -11.52 19.59
C THR A 86 12.38 -12.22 19.96
N PHE A 87 12.31 -12.76 21.16
CA PHE A 87 11.08 -13.32 21.67
C PHE A 87 9.99 -12.26 21.63
N GLU A 88 10.33 -11.05 22.05
CA GLU A 88 9.37 -9.97 22.14
C GLU A 88 8.73 -9.67 20.78
N SER A 89 9.53 -9.66 19.73
CA SER A 89 8.97 -9.41 18.40
C SER A 89 8.00 -10.50 17.98
N CYS A 90 8.34 -11.77 18.23
CA CYS A 90 7.46 -12.86 17.87
C CYS A 90 6.17 -12.78 18.68
N GLU A 91 6.29 -12.33 19.93
CA GLU A 91 5.14 -12.20 20.81
C GLU A 91 4.18 -11.13 20.29
N LYS A 92 4.72 -9.99 19.85
CA LYS A 92 3.87 -8.91 19.34
C LYS A 92 3.14 -9.39 18.09
N ALA A 93 3.82 -10.22 17.29
CA ALA A 93 3.24 -10.68 16.04
C ALA A 93 2.10 -11.65 16.32
N VAL A 94 2.29 -12.51 17.32
CA VAL A 94 1.22 -13.43 17.75
C VAL A 94 0.00 -12.64 18.23
N LYS A 95 0.24 -11.67 19.11
CA LYS A 95 -0.85 -10.85 19.64
C LYS A 95 -1.58 -10.11 18.53
N ALA A 96 -0.84 -9.67 17.50
CA ALA A 96 -1.40 -8.86 16.43
C ALA A 96 -2.25 -9.68 15.47
N GLY A 97 -1.97 -10.98 15.39
CA GLY A 97 -2.77 -11.88 14.58
C GLY A 97 -2.02 -12.63 13.48
N PHE A 98 -0.70 -12.62 13.53
CA PHE A 98 0.10 -13.47 12.64
C PHE A 98 -0.18 -14.95 12.95
N THR A 99 -0.20 -15.80 11.93
CA THR A 99 -0.45 -17.23 12.13
C THR A 99 0.80 -18.09 11.99
N SER A 100 1.94 -17.44 11.74
CA SER A 100 3.23 -18.12 11.65
C SER A 100 4.29 -17.09 12.01
N VAL A 101 5.30 -17.49 12.77
CA VAL A 101 6.41 -16.58 13.07
C VAL A 101 7.74 -17.28 12.93
N MET A 102 8.72 -16.58 12.34
CA MET A 102 10.08 -17.06 12.34
C MET A 102 10.87 -16.42 13.47
N ILE A 103 11.45 -17.24 14.33
CA ILE A 103 12.43 -16.73 15.28
C ILE A 103 13.81 -17.08 14.73
N ASP A 104 14.54 -16.06 14.31
CA ASP A 104 15.82 -16.27 13.68
C ASP A 104 16.98 -15.94 14.63
N ALA A 105 17.59 -16.99 15.17
CA ALA A 105 18.70 -16.86 16.10
C ALA A 105 19.87 -17.69 15.58
N SER A 106 19.98 -17.79 14.27
CA SER A 106 20.97 -18.66 13.66
C SER A 106 22.38 -18.13 13.90
N HIS A 107 22.50 -16.83 14.16
CA HIS A 107 23.79 -16.22 14.45
C HIS A 107 24.22 -16.49 15.89
N HIS A 108 23.28 -16.97 16.71
CA HIS A 108 23.62 -17.35 18.08
C HIS A 108 24.21 -18.75 18.12
N ALA A 109 24.94 -19.05 19.19
CA ALA A 109 25.42 -20.40 19.40
C ALA A 109 24.23 -21.35 19.44
N PHE A 110 24.50 -22.62 19.14
CA PHE A 110 23.46 -23.65 19.07
C PHE A 110 22.60 -23.71 20.33
N GLU A 111 23.23 -23.72 21.51
CA GLU A 111 22.45 -23.77 22.75
C GLU A 111 21.52 -22.56 22.89
N GLU A 112 22.01 -21.36 22.56
CA GLU A 112 21.19 -20.14 22.69
C GLU A 112 20.03 -20.12 21.68
N ASN A 113 20.34 -20.53 20.45
CA ASN A 113 19.33 -20.59 19.39
C ASN A 113 18.22 -21.54 19.82
N LEU A 114 18.59 -22.75 20.21
CA LEU A 114 17.61 -23.73 20.69
C LEU A 114 16.81 -23.23 21.89
N GLU A 115 17.45 -22.50 22.80
CA GLU A 115 16.77 -22.02 24.00
C GLU A 115 15.77 -20.93 23.64
N LEU A 116 16.20 -19.95 22.86
CA LEU A 116 15.32 -18.88 22.43
C LEU A 116 14.20 -19.43 21.54
N THR A 117 14.53 -20.36 20.65
CA THR A 117 13.54 -20.95 19.75
C THR A 117 12.49 -21.71 20.55
N SER A 118 12.92 -22.48 21.55
CA SER A 118 11.97 -23.25 22.34
C SER A 118 11.02 -22.33 23.08
N LYS A 119 11.52 -21.17 23.50
CA LYS A 119 10.70 -20.24 24.25
C LYS A 119 9.61 -19.67 23.35
N VAL A 120 9.99 -19.31 22.13
CA VAL A 120 9.02 -18.79 21.16
C VAL A 120 8.00 -19.85 20.87
N VAL A 121 8.46 -21.09 20.65
CA VAL A 121 7.56 -22.18 20.30
C VAL A 121 6.50 -22.37 21.38
N LYS A 122 6.90 -22.37 22.64
CA LYS A 122 5.95 -22.59 23.71
C LYS A 122 4.86 -21.50 23.70
N MET A 123 5.29 -20.26 23.50
CA MET A 123 4.38 -19.11 23.43
C MET A 123 3.47 -19.20 22.21
N ALA A 124 4.07 -19.41 21.05
CA ALA A 124 3.31 -19.45 19.80
C ALA A 124 2.32 -20.61 19.79
N HIS A 125 2.77 -21.80 20.15
CA HIS A 125 1.89 -22.97 20.12
C HIS A 125 0.69 -22.80 21.06
N ASN A 126 0.92 -22.14 22.19
CA ASN A 126 -0.16 -21.84 23.11
C ASN A 126 -1.22 -20.97 22.44
N ALA A 127 -0.78 -20.11 21.51
CA ALA A 127 -1.68 -19.21 20.80
C ALA A 127 -2.18 -19.80 19.47
N GLY A 128 -1.81 -21.04 19.18
CA GLY A 128 -2.20 -21.66 17.94
C GLY A 128 -1.51 -21.08 16.71
N VAL A 129 -0.28 -20.60 16.88
CA VAL A 129 0.50 -20.19 15.71
C VAL A 129 1.78 -21.02 15.55
N SER A 130 2.14 -21.27 14.31
CA SER A 130 3.27 -22.12 13.95
C SER A 130 4.56 -21.35 13.99
N VAL A 131 5.68 -22.07 13.99
CA VAL A 131 6.98 -21.43 14.19
C VAL A 131 8.04 -21.99 13.26
N GLU A 132 8.83 -21.08 12.69
CA GLU A 132 9.99 -21.44 11.89
C GLU A 132 11.26 -21.01 12.64
N ALA A 133 12.31 -21.83 12.58
CA ALA A 133 13.61 -21.42 13.09
C ALA A 133 14.67 -21.69 12.03
N GLU A 134 15.92 -21.33 12.31
CA GLU A 134 16.96 -21.41 11.29
C GLU A 134 18.30 -21.88 11.86
N LEU A 135 18.99 -22.71 11.10
CA LEU A 135 20.33 -23.17 11.43
C LEU A 135 21.24 -22.96 10.23
N GLY A 136 22.44 -22.49 10.49
CA GLY A 136 23.39 -22.21 9.43
C GLY A 136 23.41 -20.73 9.10
N ARG A 137 24.42 -20.32 8.35
CA ARG A 137 24.58 -18.93 7.95
C ARG A 137 24.17 -18.79 6.48
N LEU A 138 23.40 -17.75 6.20
CA LEU A 138 22.86 -17.53 4.85
C LEU A 138 23.83 -16.78 3.97
N MET A 139 24.99 -17.37 3.71
CA MET A 139 25.97 -16.74 2.84
C MET A 139 26.46 -17.73 1.82
N GLY A 140 27.17 -17.24 0.80
CA GLY A 140 27.62 -18.09 -0.29
C GLY A 140 28.86 -18.89 0.07
N ILE A 141 28.81 -20.19 -0.22
CA ILE A 141 30.01 -21.02 -0.11
C ILE A 141 30.90 -20.75 -1.31
N GLU A 142 31.86 -19.84 -1.13
CA GLU A 142 32.77 -19.44 -2.19
C GLU A 142 33.68 -20.62 -2.55
N ASP A 143 34.16 -20.64 -3.78
CA ASP A 143 35.07 -21.69 -4.21
C ASP A 143 36.40 -21.52 -3.49
N ASN A 144 37.02 -22.64 -3.13
CA ASN A 144 38.25 -22.65 -2.34
C ASN A 144 37.94 -22.52 -0.85
N ILE A 145 36.67 -22.68 -0.50
CA ILE A 145 36.23 -22.63 0.90
C ILE A 145 36.70 -23.91 1.60
N SER A 146 37.27 -23.74 2.78
CA SER A 146 37.79 -24.88 3.56
C SER A 146 36.71 -25.96 3.70
N VAL A 147 37.13 -27.21 3.60
CA VAL A 147 36.18 -28.32 3.71
C VAL A 147 35.50 -28.27 5.07
N ASP A 148 36.23 -27.80 6.07
CA ASP A 148 35.73 -27.73 7.45
C ASP A 148 34.99 -26.42 7.71
N GLU A 149 35.51 -25.33 7.18
CA GLU A 149 34.90 -24.01 7.34
C GLU A 149 33.54 -23.97 6.65
N LYS A 150 33.29 -24.94 5.77
CA LYS A 150 31.98 -25.08 5.14
C LYS A 150 30.97 -25.64 6.15
N ASP A 151 31.42 -26.58 6.97
CA ASP A 151 30.60 -27.15 8.03
C ASP A 151 30.44 -26.18 9.20
N ALA A 152 31.16 -25.06 9.14
CA ALA A 152 31.05 -24.02 10.16
C ALA A 152 30.15 -22.90 9.64
N VAL A 153 29.64 -23.08 8.42
CA VAL A 153 28.82 -22.07 7.78
C VAL A 153 27.44 -22.65 7.47
N LEU A 154 27.39 -23.76 6.75
CA LEU A 154 26.13 -24.38 6.36
C LEU A 154 25.51 -25.11 7.55
N VAL A 155 24.27 -25.55 7.37
CA VAL A 155 23.58 -26.29 8.41
C VAL A 155 24.34 -27.58 8.73
N ASN A 156 24.51 -27.85 10.03
CA ASN A 156 25.02 -29.12 10.49
C ASN A 156 23.84 -30.05 10.67
N PRO A 157 23.71 -31.07 9.81
CA PRO A 157 22.48 -31.88 9.84
C PRO A 157 22.22 -32.57 11.19
N LYS A 158 23.27 -32.99 11.90
CA LYS A 158 23.09 -33.61 13.21
C LYS A 158 22.58 -32.59 14.23
N GLU A 159 23.08 -31.36 14.16
CA GLU A 159 22.50 -30.27 14.94
C GLU A 159 21.01 -30.14 14.61
N ALA A 160 20.66 -30.22 13.33
CA ALA A 160 19.27 -30.03 12.92
C ALA A 160 18.34 -31.08 13.52
N GLU A 161 18.82 -32.32 13.60
CA GLU A 161 18.01 -33.41 14.13
C GLU A 161 17.64 -33.15 15.58
N GLN A 162 18.64 -32.85 16.40
CA GLN A 162 18.41 -32.58 17.82
C GLN A 162 17.61 -31.28 18.00
N PHE A 163 17.94 -30.28 17.19
CA PHE A 163 17.29 -28.97 17.29
C PHE A 163 15.79 -29.12 17.18
N VAL A 164 15.36 -29.85 16.16
CA VAL A 164 13.94 -30.04 15.89
C VAL A 164 13.28 -30.90 16.95
N LYS A 165 13.98 -31.94 17.40
CA LYS A 165 13.42 -32.83 18.40
C LYS A 165 13.14 -32.12 19.72
N GLU A 166 14.09 -31.30 20.18
CA GLU A 166 13.93 -30.62 21.47
C GLU A 166 13.05 -29.37 21.40
N SER A 167 13.12 -28.63 20.31
CA SER A 167 12.41 -27.34 20.22
C SER A 167 10.94 -27.53 19.85
N GLN A 168 10.66 -28.60 19.11
CA GLN A 168 9.33 -28.86 18.58
C GLN A 168 8.95 -27.81 17.54
N VAL A 169 9.93 -27.25 16.86
CA VAL A 169 9.64 -26.27 15.83
C VAL A 169 8.86 -26.93 14.71
N ASP A 170 8.01 -26.16 14.06
CA ASP A 170 7.14 -26.70 13.02
C ASP A 170 7.87 -26.87 11.69
N TYR A 171 8.73 -25.92 11.37
CA TYR A 171 9.52 -26.02 10.15
C TYR A 171 10.89 -25.38 10.36
N LEU A 172 11.84 -25.76 9.53
CA LEU A 172 13.24 -25.39 9.73
C LEU A 172 13.80 -24.85 8.43
N ALA A 173 14.59 -23.79 8.55
CA ALA A 173 15.32 -23.20 7.43
C ALA A 173 16.78 -23.60 7.54
N PRO A 174 17.20 -24.62 6.77
CA PRO A 174 18.60 -25.04 6.83
C PRO A 174 19.42 -24.31 5.76
N ALA A 175 20.50 -23.64 6.15
CA ALA A 175 21.36 -22.94 5.19
C ALA A 175 22.11 -23.95 4.33
N ILE A 176 21.90 -23.91 3.01
CA ILE A 176 22.59 -24.86 2.14
C ILE A 176 23.37 -24.18 1.02
N GLY A 177 23.46 -22.85 1.06
CA GLY A 177 24.33 -22.13 0.12
C GLY A 177 23.72 -20.90 -0.49
N THR A 178 22.46 -20.62 -0.16
CA THR A 178 21.82 -19.42 -0.66
C THR A 178 22.11 -18.23 0.26
N SER A 179 21.64 -17.07 -0.16
CA SER A 179 21.75 -15.87 0.65
C SER A 179 20.74 -14.86 0.13
N HIS A 180 20.45 -13.83 0.92
CA HIS A 180 19.50 -12.81 0.52
C HIS A 180 20.04 -11.91 -0.58
N GLY A 181 19.17 -11.46 -1.46
CA GLY A 181 19.49 -10.39 -2.38
C GLY A 181 19.85 -10.85 -3.78
N ALA A 182 20.21 -9.89 -4.62
CA ALA A 182 20.37 -10.16 -6.04
C ALA A 182 21.75 -10.73 -6.38
N PHE A 183 22.64 -10.79 -5.40
CA PHE A 183 24.03 -11.15 -5.69
C PHE A 183 24.43 -12.43 -4.98
N LYS A 184 23.84 -13.54 -5.40
CA LYS A 184 23.96 -14.81 -4.68
C LYS A 184 25.23 -15.58 -5.00
N PHE A 185 25.70 -15.49 -6.25
CA PHE A 185 26.84 -16.30 -6.67
C PHE A 185 27.85 -15.54 -7.51
N LYS A 186 29.11 -15.58 -7.06
CA LYS A 186 30.23 -15.24 -7.92
C LYS A 186 30.52 -16.51 -8.71
N GLY A 187 30.20 -16.48 -10.00
CA GLY A 187 30.36 -17.67 -10.82
C GLY A 187 29.14 -18.56 -10.79
N GLU A 188 29.34 -19.85 -11.06
CA GLU A 188 28.23 -20.77 -11.26
C GLU A 188 27.50 -21.10 -9.96
N PRO A 189 26.16 -21.05 -9.99
CA PRO A 189 25.37 -21.41 -8.81
C PRO A 189 25.71 -22.81 -8.27
N LYS A 190 25.71 -22.95 -6.96
CA LYS A 190 25.98 -24.23 -6.32
C LYS A 190 25.27 -24.27 -4.97
N LEU A 191 24.52 -25.34 -4.73
CA LEU A 191 23.85 -25.57 -3.46
C LEU A 191 24.15 -26.98 -2.96
N ASP A 192 24.15 -27.15 -1.64
CA ASP A 192 24.49 -28.43 -1.04
C ASP A 192 23.24 -29.29 -0.92
N PHE A 193 22.83 -29.89 -2.04
CA PHE A 193 21.61 -30.68 -2.07
C PHE A 193 21.75 -31.96 -1.23
N GLU A 194 22.98 -32.45 -1.10
CA GLU A 194 23.23 -33.62 -0.25
C GLU A 194 22.91 -33.28 1.19
N ARG A 195 23.33 -32.09 1.60
CA ARG A 195 23.12 -31.59 2.96
C ARG A 195 21.62 -31.45 3.22
N LEU A 196 20.92 -30.87 2.24
CA LEU A 196 19.46 -30.70 2.32
C LEU A 196 18.77 -32.03 2.55
N GLN A 197 19.10 -33.01 1.72
CA GLN A 197 18.46 -34.32 1.78
C GLN A 197 18.74 -34.98 3.11
N GLU A 198 19.94 -34.78 3.63
CA GLU A 198 20.29 -35.34 4.94
C GLU A 198 19.45 -34.69 6.04
N VAL A 199 19.27 -33.37 5.98
CA VAL A 199 18.43 -32.70 6.97
C VAL A 199 16.99 -33.17 6.89
N LYS A 200 16.48 -33.33 5.67
CA LYS A 200 15.09 -33.72 5.48
C LYS A 200 14.87 -35.10 6.06
N ARG A 201 15.83 -35.99 5.82
CA ARG A 201 15.73 -37.35 6.32
C ARG A 201 15.76 -37.38 7.84
N LEU A 202 16.62 -36.55 8.43
CA LEU A 202 16.80 -36.56 9.88
C LEU A 202 15.65 -35.91 10.65
N THR A 203 14.97 -34.95 10.03
CA THR A 203 13.96 -34.16 10.74
C THR A 203 12.54 -34.55 10.37
N ASN A 204 12.33 -34.87 9.09
CA ASN A 204 11.01 -35.24 8.59
C ASN A 204 9.94 -34.17 8.88
N ILE A 205 10.32 -32.90 8.75
CA ILE A 205 9.36 -31.80 8.83
C ILE A 205 9.49 -30.90 7.59
N PRO A 206 8.52 -29.99 7.38
CA PRO A 206 8.66 -29.06 6.26
C PRO A 206 9.93 -28.23 6.41
N LEU A 207 10.65 -28.01 5.32
CA LEU A 207 11.84 -27.19 5.36
C LEU A 207 11.66 -25.91 4.56
N VAL A 208 12.48 -24.91 4.85
CA VAL A 208 12.31 -23.56 4.30
C VAL A 208 13.61 -23.13 3.64
N LEU A 209 13.51 -22.63 2.42
CA LEU A 209 14.67 -22.10 1.71
C LEU A 209 14.60 -20.57 1.67
N HIS A 210 15.55 -19.91 2.30
CA HIS A 210 15.67 -18.44 2.21
C HIS A 210 16.56 -18.10 1.05
N GLY A 211 16.47 -16.86 0.57
CA GLY A 211 17.34 -16.40 -0.51
C GLY A 211 17.06 -17.13 -1.81
N ALA A 212 15.79 -17.41 -2.07
CA ALA A 212 15.39 -18.26 -3.20
C ALA A 212 14.94 -17.51 -4.46
N SER A 213 15.18 -16.21 -4.54
CA SER A 213 14.89 -15.49 -5.78
C SER A 213 15.77 -16.03 -6.90
N ALA A 214 15.25 -15.96 -8.12
CA ALA A 214 15.89 -16.54 -9.30
C ALA A 214 16.53 -15.49 -10.20
N ILE A 215 16.04 -14.27 -10.08
CA ILE A 215 16.35 -13.21 -11.02
C ILE A 215 16.16 -13.72 -12.46
N PRO A 216 14.93 -14.08 -12.80
CA PRO A 216 14.57 -14.54 -14.15
C PRO A 216 15.10 -13.62 -15.25
N ASP A 217 15.45 -14.20 -16.38
CA ASP A 217 15.94 -13.44 -17.53
C ASP A 217 15.00 -12.34 -17.97
N ASN A 218 13.70 -12.60 -18.00
CA ASN A 218 12.76 -11.59 -18.46
C ASN A 218 12.68 -10.42 -17.49
N VAL A 219 12.89 -10.71 -16.21
CA VAL A 219 12.87 -9.67 -15.17
C VAL A 219 14.14 -8.83 -15.22
N ARG A 220 15.28 -9.49 -15.30
CA ARG A 220 16.54 -8.78 -15.50
C ARG A 220 16.38 -7.88 -16.71
N LYS A 221 15.82 -8.42 -17.78
CA LYS A 221 15.68 -7.66 -19.01
C LYS A 221 14.84 -6.42 -18.81
N SER A 222 13.68 -6.55 -18.17
CA SER A 222 12.83 -5.40 -17.89
C SER A 222 13.54 -4.35 -17.06
N TYR A 223 14.29 -4.78 -16.06
CA TYR A 223 14.95 -3.84 -15.16
C TYR A 223 16.05 -3.09 -15.92
N LEU A 224 16.83 -3.82 -16.71
CA LEU A 224 17.91 -3.21 -17.49
C LEU A 224 17.38 -2.28 -18.58
N ASP A 225 16.30 -2.69 -19.25
CA ASP A 225 15.72 -1.91 -20.33
C ASP A 225 15.28 -0.55 -19.80
N ALA A 226 14.83 -0.55 -18.54
CA ALA A 226 14.36 0.66 -17.87
C ALA A 226 15.51 1.46 -17.26
N GLY A 227 16.74 1.04 -17.56
CA GLY A 227 17.91 1.80 -17.18
C GLY A 227 18.50 1.46 -15.82
N GLY A 228 17.99 0.39 -15.20
CA GLY A 228 18.48 -0.03 -13.90
C GLY A 228 19.79 -0.80 -13.98
N ASP A 229 20.43 -0.93 -12.82
CA ASP A 229 21.75 -1.51 -12.70
C ASP A 229 21.64 -2.80 -11.90
N LEU A 230 22.03 -3.92 -12.52
CA LEU A 230 22.01 -5.23 -11.87
C LEU A 230 23.33 -5.96 -12.12
N LYS A 231 24.42 -5.21 -12.23
CA LYS A 231 25.70 -5.81 -12.61
C LYS A 231 26.15 -6.80 -11.54
N GLY A 232 26.52 -7.99 -11.98
CA GLY A 232 27.01 -9.02 -11.08
C GLY A 232 25.91 -9.86 -10.44
N SER A 233 24.65 -9.53 -10.71
CA SER A 233 23.56 -10.23 -10.05
C SER A 233 23.40 -11.64 -10.60
N LYS A 234 23.14 -12.59 -9.70
CA LYS A 234 22.89 -13.96 -10.04
C LYS A 234 21.90 -14.54 -9.01
N GLY A 235 20.81 -15.13 -9.48
CA GLY A 235 19.84 -15.73 -8.57
C GLY A 235 19.97 -17.23 -8.55
N VAL A 236 19.09 -17.91 -7.81
CA VAL A 236 18.99 -19.37 -7.85
C VAL A 236 18.28 -19.81 -9.13
N PRO A 237 18.94 -20.66 -9.94
CA PRO A 237 18.33 -21.13 -11.19
C PRO A 237 17.01 -21.84 -10.95
N PHE A 238 16.09 -21.76 -11.92
CA PHE A 238 14.81 -22.45 -11.82
C PHE A 238 15.02 -23.96 -11.57
N GLU A 239 16.10 -24.50 -12.12
CA GLU A 239 16.34 -25.92 -12.02
C GLU A 239 16.72 -26.27 -10.58
N PHE A 240 17.43 -25.35 -9.93
CA PHE A 240 17.82 -25.54 -8.54
C PHE A 240 16.62 -25.46 -7.61
N LEU A 241 15.72 -24.53 -7.86
CA LEU A 241 14.52 -24.41 -7.03
C LEU A 241 13.70 -25.69 -7.13
N GLN A 242 13.58 -26.25 -8.32
CA GLN A 242 12.83 -27.51 -8.46
C GLN A 242 13.54 -28.65 -7.74
N GLU A 243 14.87 -28.67 -7.84
CA GLU A 243 15.67 -29.66 -7.12
C GLU A 243 15.52 -29.53 -5.61
N SER A 244 15.41 -28.28 -5.14
CA SER A 244 15.23 -28.02 -3.72
C SER A 244 13.91 -28.63 -3.27
N VAL A 245 12.87 -28.41 -4.05
CA VAL A 245 11.57 -28.95 -3.68
C VAL A 245 11.63 -30.48 -3.65
N LYS A 246 12.29 -31.08 -4.63
CA LYS A 246 12.45 -32.53 -4.67
C LYS A 246 13.19 -33.04 -3.44
N GLY A 247 14.11 -32.23 -2.94
CA GLY A 247 14.92 -32.60 -1.79
C GLY A 247 14.27 -32.30 -0.45
N GLY A 248 13.09 -31.69 -0.45
CA GLY A 248 12.36 -31.51 0.80
C GLY A 248 11.99 -30.09 1.19
N ILE A 249 12.36 -29.09 0.38
CA ILE A 249 11.93 -27.72 0.63
C ILE A 249 10.43 -27.57 0.35
N ASN A 250 9.72 -27.00 1.32
CA ASN A 250 8.28 -26.82 1.22
C ASN A 250 7.82 -25.35 1.27
N LYS A 251 8.71 -24.47 1.72
CA LYS A 251 8.44 -23.03 1.81
C LYS A 251 9.59 -22.31 1.15
N VAL A 252 9.29 -21.45 0.19
CA VAL A 252 10.34 -20.85 -0.63
C VAL A 252 10.23 -19.33 -0.54
N ASN A 253 11.10 -18.70 0.26
CA ASN A 253 11.08 -17.25 0.47
C ASN A 253 11.54 -16.49 -0.74
N THR A 254 10.64 -15.63 -1.25
CA THR A 254 10.89 -14.91 -2.49
C THR A 254 10.49 -13.46 -2.28
N ASP A 255 11.45 -12.56 -2.45
CA ASP A 255 11.26 -11.14 -2.14
C ASP A 255 11.95 -10.33 -3.24
N THR A 256 13.24 -10.58 -3.43
CA THR A 256 14.03 -9.80 -4.39
C THR A 256 13.42 -9.77 -5.80
N ASP A 257 13.05 -10.93 -6.34
CA ASP A 257 12.42 -11.00 -7.68
C ASP A 257 11.20 -10.09 -7.79
N LEU A 258 10.39 -10.07 -6.75
CA LEU A 258 9.17 -9.28 -6.77
C LEU A 258 9.51 -7.80 -6.90
N ARG A 259 10.48 -7.37 -6.11
CA ARG A 259 10.82 -5.97 -6.07
C ARG A 259 11.49 -5.51 -7.35
N ILE A 260 12.31 -6.36 -7.97
CA ILE A 260 12.96 -5.99 -9.23
C ILE A 260 11.89 -5.82 -10.31
N ALA A 261 11.00 -6.81 -10.41
CA ALA A 261 9.93 -6.77 -11.39
C ALA A 261 9.08 -5.52 -11.19
N PHE A 262 8.82 -5.18 -9.93
CA PHE A 262 7.90 -4.08 -9.63
C PHE A 262 8.54 -2.76 -10.00
N ILE A 263 9.75 -2.56 -9.53
CA ILE A 263 10.47 -1.30 -9.70
C ILE A 263 10.89 -1.09 -11.16
N ALA A 264 11.12 -2.17 -11.88
CA ALA A 264 11.44 -2.06 -13.31
C ALA A 264 10.33 -1.29 -14.04
N GLU A 265 9.07 -1.59 -13.72
CA GLU A 265 7.94 -0.92 -14.37
C GLU A 265 7.78 0.52 -13.90
N VAL A 266 8.11 0.78 -12.65
CA VAL A 266 8.05 2.15 -12.14
C VAL A 266 9.05 3.01 -12.91
N ARG A 267 10.24 2.48 -13.09
CA ARG A 267 11.31 3.20 -13.80
C ARG A 267 10.95 3.43 -15.25
N LYS A 268 10.26 2.45 -15.85
CA LYS A 268 9.88 2.53 -17.25
C LYS A 268 8.85 3.63 -17.47
N VAL A 269 7.81 3.67 -16.63
CA VAL A 269 6.82 4.73 -16.72
C VAL A 269 7.46 6.10 -16.55
N ALA A 270 8.40 6.22 -15.60
CA ALA A 270 9.05 7.50 -15.36
C ALA A 270 9.86 7.93 -16.58
N ASN A 271 10.47 6.94 -17.23
CA ASN A 271 11.32 7.21 -18.39
C ASN A 271 10.51 7.66 -19.59
N GLU A 272 9.36 7.05 -19.77
CA GLU A 272 8.63 7.17 -21.03
C GLU A 272 7.61 8.31 -21.07
N ASP A 273 7.33 8.91 -19.93
CA ASP A 273 6.44 10.05 -19.90
C ASP A 273 6.76 10.96 -18.73
N LYS A 274 7.51 12.03 -19.02
CA LYS A 274 7.99 12.93 -17.98
C LYS A 274 6.87 13.72 -17.31
N SER A 275 5.72 13.76 -17.94
CA SER A 275 4.58 14.52 -17.42
C SER A 275 3.63 13.66 -16.59
N GLN A 276 3.95 12.37 -16.44
CA GLN A 276 3.05 11.46 -15.76
C GLN A 276 3.24 11.50 -14.24
N PHE A 277 2.16 11.80 -13.49
CA PHE A 277 2.23 11.74 -12.02
C PHE A 277 0.97 11.13 -11.36
N ASP A 278 0.17 10.43 -12.14
CA ASP A 278 -0.91 9.60 -11.59
C ASP A 278 -0.26 8.34 -11.02
N LEU A 279 -0.30 8.16 -9.70
CA LEU A 279 0.36 7.01 -9.08
C LEU A 279 -0.09 5.68 -9.69
N ARG A 280 -1.37 5.57 -10.01
CA ARG A 280 -1.91 4.32 -10.54
C ARG A 280 -1.28 3.93 -11.87
N LYS A 281 -0.85 4.91 -12.65
CA LYS A 281 -0.21 4.63 -13.94
C LYS A 281 1.20 4.07 -13.77
N PHE A 282 1.81 4.34 -12.61
CA PHE A 282 3.07 3.71 -12.25
C PHE A 282 2.83 2.33 -11.66
N PHE A 283 1.83 2.21 -10.79
CA PHE A 283 1.75 1.04 -9.94
C PHE A 283 0.87 -0.07 -10.52
N SER A 284 0.08 0.24 -11.53
CA SER A 284 -0.70 -0.80 -12.19
C SER A 284 0.19 -1.75 -13.00
N PRO A 285 1.09 -1.20 -13.85
CA PRO A 285 2.03 -2.07 -14.56
C PRO A 285 2.97 -2.78 -13.60
N ALA A 286 3.38 -2.08 -12.55
CA ALA A 286 4.28 -2.66 -11.54
C ALA A 286 3.61 -3.84 -10.85
N GLN A 287 2.34 -3.70 -10.51
CA GLN A 287 1.60 -4.79 -9.89
C GLN A 287 1.51 -5.97 -10.84
N LEU A 288 1.22 -5.71 -12.10
CA LEU A 288 1.08 -6.78 -13.08
C LEU A 288 2.38 -7.57 -13.21
N ALA A 289 3.51 -6.87 -13.28
CA ALA A 289 4.79 -7.56 -13.44
C ALA A 289 5.11 -8.41 -12.21
N LEU A 290 4.81 -7.89 -11.02
CA LEU A 290 5.02 -8.63 -9.78
C LEU A 290 4.10 -9.85 -9.75
N LYS A 291 2.84 -9.63 -10.04
CA LYS A 291 1.87 -10.72 -10.09
C LYS A 291 2.39 -11.82 -11.01
N ASN A 292 2.89 -11.44 -12.17
CA ASN A 292 3.33 -12.44 -13.16
C ASN A 292 4.52 -13.22 -12.63
N VAL A 293 5.42 -12.56 -11.91
CA VAL A 293 6.56 -13.26 -11.30
C VAL A 293 6.04 -14.32 -10.33
N VAL A 294 5.09 -13.92 -9.49
CA VAL A 294 4.53 -14.81 -8.50
C VAL A 294 3.82 -15.98 -9.18
N LYS A 295 3.00 -15.72 -10.19
CA LYS A 295 2.26 -16.82 -10.84
C LYS A 295 3.22 -17.86 -11.44
N GLU A 296 4.27 -17.40 -12.12
CA GLU A 296 5.21 -18.35 -12.72
C GLU A 296 5.93 -19.14 -11.63
N ARG A 297 6.19 -18.49 -10.50
CA ARG A 297 6.90 -19.16 -9.44
C ARG A 297 6.01 -20.21 -8.80
N MET A 298 4.71 -19.90 -8.68
CA MET A 298 3.76 -20.87 -8.13
C MET A 298 3.71 -22.13 -9.00
N LYS A 299 3.70 -21.94 -10.31
CA LYS A 299 3.71 -23.10 -11.20
C LYS A 299 5.01 -23.89 -11.06
N LEU A 300 6.13 -23.18 -10.95
CA LEU A 300 7.43 -23.83 -10.87
C LEU A 300 7.53 -24.72 -9.64
N LEU A 301 7.11 -24.19 -8.49
CA LEU A 301 7.26 -24.89 -7.22
C LEU A 301 6.18 -25.97 -7.03
N GLY A 302 5.17 -25.98 -7.91
CA GLY A 302 4.14 -27.00 -7.88
C GLY A 302 2.96 -26.71 -6.95
N SER A 303 2.81 -25.47 -6.51
CA SER A 303 1.70 -25.10 -5.63
C SER A 303 0.45 -24.69 -6.43
N ALA A 304 0.63 -24.41 -7.71
CA ALA A 304 -0.53 -24.14 -8.57
C ALA A 304 -1.55 -25.28 -8.51
N ASN A 305 -2.82 -24.93 -8.39
CA ASN A 305 -3.91 -25.88 -8.30
C ASN A 305 -3.84 -26.84 -7.11
N LYS A 306 -3.18 -26.43 -6.03
CA LYS A 306 -3.15 -27.27 -4.83
C LYS A 306 -4.17 -26.84 -3.79
N ILE A 307 -4.96 -25.82 -4.08
CA ILE A 307 -6.03 -25.43 -3.15
C ILE A 307 -7.15 -26.46 -3.16
N MET B 1 -11.89 10.50 15.40
CA MET B 1 -12.46 9.20 14.95
C MET B 1 -13.19 9.44 13.64
N LEU B 2 -13.68 8.35 13.03
CA LEU B 2 -14.46 8.45 11.81
C LEU B 2 -15.83 9.05 12.09
N VAL B 3 -16.11 10.20 11.47
CA VAL B 3 -17.36 10.92 11.70
C VAL B 3 -18.02 11.32 10.38
N LYS B 4 -19.33 11.55 10.42
CA LYS B 4 -20.04 12.04 9.24
C LYS B 4 -19.47 13.38 8.79
N GLY B 5 -19.44 13.59 7.48
CA GLY B 5 -18.78 14.74 6.90
C GLY B 5 -19.30 16.06 7.43
N ASN B 6 -20.57 16.07 7.83
CA ASN B 6 -21.22 17.30 8.25
C ASN B 6 -20.70 17.77 9.61
N GLU B 7 -20.33 16.83 10.48
CA GLU B 7 -19.73 17.18 11.75
C GLU B 7 -18.51 18.08 11.56
N ILE B 8 -17.72 17.77 10.55
CA ILE B 8 -16.47 18.48 10.31
C ILE B 8 -16.74 19.82 9.60
N LEU B 9 -17.54 19.79 8.55
CA LEU B 9 -17.76 20.99 7.75
C LEU B 9 -18.59 22.05 8.46
N LEU B 10 -19.51 21.63 9.34
CA LEU B 10 -20.33 22.58 10.08
C LEU B 10 -19.50 23.44 11.03
N LYS B 11 -18.52 22.82 11.68
CA LYS B 11 -17.60 23.54 12.53
C LYS B 11 -16.80 24.52 11.67
N ALA B 12 -16.23 24.03 10.57
CA ALA B 12 -15.46 24.87 9.67
C ALA B 12 -16.31 26.04 9.16
N HIS B 13 -17.57 25.73 8.85
CA HIS B 13 -18.53 26.71 8.37
C HIS B 13 -18.76 27.79 9.43
N LYS B 14 -19.06 27.37 10.66
CA LYS B 14 -19.32 28.31 11.76
C LYS B 14 -18.11 29.15 12.14
N GLU B 15 -16.92 28.56 12.10
CA GLU B 15 -15.71 29.25 12.55
C GLU B 15 -14.93 29.85 11.40
N GLY B 16 -15.45 29.68 10.19
CA GLY B 16 -14.87 30.27 8.99
C GLY B 16 -13.49 29.80 8.59
N TYR B 17 -13.25 28.49 8.58
CA TYR B 17 -12.01 27.99 7.99
C TYR B 17 -12.29 26.95 6.93
N GLY B 18 -11.24 26.53 6.24
CA GLY B 18 -11.35 25.53 5.19
C GLY B 18 -10.68 24.25 5.64
N VAL B 19 -11.28 23.12 5.28
CA VAL B 19 -10.71 21.80 5.62
C VAL B 19 -10.28 21.11 4.33
N GLY B 20 -9.00 20.80 4.25
CA GLY B 20 -8.48 20.12 3.08
C GLY B 20 -9.12 18.75 2.94
N ALA B 21 -9.51 18.41 1.72
CA ALA B 21 -10.01 17.08 1.40
C ALA B 21 -9.04 16.43 0.43
N PHE B 22 -8.37 15.37 0.87
CA PHE B 22 -7.23 14.84 0.17
C PHE B 22 -7.55 13.45 -0.36
N ASN B 23 -7.28 13.23 -1.65
CA ASN B 23 -7.52 11.94 -2.28
C ASN B 23 -6.38 10.98 -1.97
N PHE B 24 -6.71 9.69 -1.87
CA PHE B 24 -5.68 8.66 -1.78
C PHE B 24 -6.00 7.50 -2.72
N VAL B 25 -4.98 6.75 -3.11
CA VAL B 25 -5.18 5.57 -3.95
C VAL B 25 -4.45 4.37 -3.37
N ASN B 26 -3.75 4.57 -2.26
CA ASN B 26 -3.03 3.47 -1.64
C ASN B 26 -2.51 3.84 -0.24
N PHE B 27 -1.73 2.94 0.33
CA PHE B 27 -1.28 3.10 1.71
C PHE B 27 -0.35 4.28 1.94
N GLU B 28 0.62 4.48 1.05
CA GLU B 28 1.57 5.56 1.22
C GLU B 28 0.92 6.94 1.26
N MET B 29 -0.02 7.18 0.36
CA MET B 29 -0.72 8.47 0.35
C MET B 29 -1.54 8.62 1.61
N LEU B 30 -2.23 7.55 2.01
CA LEU B 30 -3.11 7.61 3.16
C LEU B 30 -2.31 7.84 4.44
N ASN B 31 -1.17 7.17 4.57
CA ASN B 31 -0.36 7.33 5.78
C ASN B 31 0.22 8.75 5.90
N ALA B 32 0.66 9.33 4.79
CA ALA B 32 1.25 10.65 4.81
C ALA B 32 0.22 11.72 5.12
N ILE B 33 -0.99 11.54 4.61
CA ILE B 33 -2.10 12.45 4.88
C ILE B 33 -2.42 12.44 6.37
N PHE B 34 -2.56 11.26 6.95
CA PHE B 34 -2.87 11.12 8.36
C PHE B 34 -1.75 11.68 9.25
N GLU B 35 -0.49 11.45 8.86
CA GLU B 35 0.61 11.98 9.65
C GLU B 35 0.62 13.51 9.58
N ALA B 36 0.19 14.07 8.46
CA ALA B 36 0.04 15.53 8.35
C ALA B 36 -0.99 16.03 9.35
N GLY B 37 -2.14 15.37 9.36
CA GLY B 37 -3.21 15.72 10.28
C GLY B 37 -2.73 15.68 11.73
N ASN B 38 -1.95 14.66 12.05
CA ASN B 38 -1.44 14.47 13.40
C ASN B 38 -0.46 15.55 13.82
N GLU B 39 0.38 15.98 12.89
CA GLU B 39 1.44 16.94 13.21
C GLU B 39 0.96 18.40 13.18
N GLU B 40 -0.12 18.67 12.47
CA GLU B 40 -0.69 20.03 12.42
C GLU B 40 -1.99 20.10 13.22
N ASN B 41 -2.33 19.01 13.91
CA ASN B 41 -3.54 18.98 14.74
C ASN B 41 -4.76 19.41 13.96
N SER B 42 -4.99 18.77 12.82
CA SER B 42 -6.03 19.20 11.90
C SER B 42 -7.04 18.10 11.57
N PRO B 43 -8.32 18.46 11.48
CA PRO B 43 -9.32 17.52 10.96
C PRO B 43 -9.02 17.18 9.51
N LEU B 44 -9.58 16.07 9.03
CA LEU B 44 -9.22 15.50 7.75
C LEU B 44 -10.46 15.06 7.00
N PHE B 45 -10.60 15.50 5.74
CA PHE B 45 -11.46 14.79 4.80
C PHE B 45 -10.58 13.90 3.94
N ILE B 46 -10.79 12.59 4.03
CA ILE B 46 -10.06 11.67 3.19
C ILE B 46 -11.01 11.21 2.10
N GLN B 47 -10.64 11.41 0.85
CA GLN B 47 -11.54 11.01 -0.23
C GLN B 47 -10.95 10.01 -1.23
N ALA B 48 -11.83 9.21 -1.80
CA ALA B 48 -11.47 8.30 -2.86
C ALA B 48 -12.47 8.45 -3.99
N SER B 49 -11.95 8.60 -5.19
CA SER B 49 -12.77 8.65 -6.39
C SER B 49 -13.27 7.26 -6.74
N GLU B 50 -14.18 7.18 -7.71
CA GLU B 50 -14.65 5.90 -8.21
C GLU B 50 -13.48 5.13 -8.80
N GLY B 51 -12.60 5.82 -9.52
CA GLY B 51 -11.39 5.21 -10.05
C GLY B 51 -10.50 4.60 -8.97
N ALA B 52 -10.32 5.32 -7.88
CA ALA B 52 -9.44 4.86 -6.81
C ALA B 52 -10.04 3.65 -6.10
N ILE B 53 -11.36 3.68 -5.94
CA ILE B 53 -12.09 2.57 -5.35
C ILE B 53 -11.99 1.33 -6.23
N LYS B 54 -12.02 1.51 -7.54
CA LYS B 54 -11.82 0.38 -8.45
C LYS B 54 -10.40 -0.19 -8.24
N TYR B 55 -9.45 0.71 -8.09
CA TYR B 55 -8.04 0.36 -7.96
C TYR B 55 -7.77 -0.42 -6.66
N MET B 56 -8.34 0.06 -5.56
CA MET B 56 -8.06 -0.52 -4.24
C MET B 56 -9.02 -1.64 -3.86
N GLY B 57 -10.24 -1.56 -4.38
CA GLY B 57 -11.35 -2.33 -3.84
C GLY B 57 -11.97 -1.54 -2.69
N ILE B 58 -13.29 -1.40 -2.68
CA ILE B 58 -13.93 -0.52 -1.71
C ILE B 58 -13.70 -1.05 -0.30
N ASP B 59 -13.61 -2.37 -0.18
CA ASP B 59 -13.33 -3.04 1.08
C ASP B 59 -11.99 -2.63 1.66
N MET B 60 -10.99 -2.46 0.80
CA MET B 60 -9.66 -2.06 1.22
C MET B 60 -9.62 -0.54 1.51
N ALA B 61 -10.31 0.25 0.69
CA ALA B 61 -10.34 1.69 0.91
C ALA B 61 -10.88 2.02 2.31
N VAL B 62 -12.06 1.50 2.62
CA VAL B 62 -12.63 1.70 3.96
C VAL B 62 -11.78 1.07 5.05
N GLY B 63 -11.39 -0.18 4.87
CA GLY B 63 -10.61 -0.89 5.87
C GLY B 63 -9.33 -0.16 6.26
N MET B 64 -8.60 0.35 5.27
CA MET B 64 -7.34 1.03 5.56
C MET B 64 -7.62 2.32 6.35
N VAL B 65 -8.67 3.03 5.95
CA VAL B 65 -9.01 4.28 6.62
C VAL B 65 -9.39 4.02 8.07
N LYS B 66 -10.17 2.97 8.32
CA LYS B 66 -10.57 2.66 9.69
C LYS B 66 -9.38 2.31 10.58
N ILE B 67 -8.42 1.59 10.01
CA ILE B 67 -7.21 1.23 10.73
C ILE B 67 -6.46 2.51 11.12
N MET B 68 -6.40 3.46 10.19
CA MET B 68 -5.67 4.70 10.45
C MET B 68 -6.39 5.53 11.51
N CYS B 69 -7.72 5.50 11.49
CA CYS B 69 -8.51 6.24 12.47
C CYS B 69 -8.29 5.67 13.86
N GLU B 70 -8.08 4.35 13.93
CA GLU B 70 -7.79 3.72 15.22
C GLU B 70 -6.37 4.02 15.64
N ARG B 71 -5.51 4.25 14.66
CA ARG B 71 -4.13 4.64 14.97
C ARG B 71 -4.06 6.08 15.49
N TYR B 72 -4.94 6.95 14.97
CA TYR B 72 -4.97 8.37 15.36
C TYR B 72 -6.38 8.78 15.78
N PRO B 73 -6.85 8.26 16.92
CA PRO B 73 -8.26 8.37 17.30
C PRO B 73 -8.67 9.81 17.62
N HIS B 74 -7.70 10.68 17.91
CA HIS B 74 -8.01 12.07 18.26
C HIS B 74 -8.33 12.93 17.03
N ILE B 75 -8.01 12.46 15.84
CA ILE B 75 -8.22 13.25 14.62
C ILE B 75 -9.61 13.00 14.07
N PRO B 76 -10.44 14.06 13.96
CA PRO B 76 -11.74 13.87 13.28
C PRO B 76 -11.54 13.60 11.79
N VAL B 77 -12.17 12.55 11.29
CA VAL B 77 -11.95 12.11 9.92
C VAL B 77 -13.27 11.80 9.27
N ALA B 78 -13.49 12.36 8.09
CA ALA B 78 -14.63 11.99 7.27
C ALA B 78 -14.14 11.24 6.03
N LEU B 79 -14.77 10.12 5.71
CA LEU B 79 -14.35 9.30 4.57
C LEU B 79 -15.36 9.48 3.45
N HIS B 80 -14.89 10.05 2.33
CA HIS B 80 -15.77 10.72 1.37
C HIS B 80 -15.65 10.16 -0.05
N LEU B 81 -16.78 9.80 -0.67
CA LEU B 81 -16.77 9.35 -2.05
C LEU B 81 -16.71 10.55 -2.97
N ASP B 82 -15.56 10.74 -3.61
CA ASP B 82 -15.35 11.86 -4.51
C ASP B 82 -15.96 11.55 -5.88
N HIS B 83 -16.73 12.48 -6.40
CA HIS B 83 -17.30 12.36 -7.75
C HIS B 83 -18.04 11.04 -8.00
N GLY B 84 -19.01 10.74 -7.15
CA GLY B 84 -19.96 9.68 -7.44
C GLY B 84 -20.74 10.07 -8.69
N THR B 85 -20.96 9.12 -9.59
CA THR B 85 -21.63 9.44 -10.86
C THR B 85 -23.04 8.84 -10.98
N THR B 86 -23.41 7.97 -10.04
CA THR B 86 -24.72 7.34 -10.08
C THR B 86 -25.23 7.10 -8.68
N PHE B 87 -26.54 6.90 -8.56
CA PHE B 87 -27.15 6.56 -7.28
C PHE B 87 -26.50 5.30 -6.74
N GLU B 88 -26.32 4.33 -7.63
CA GLU B 88 -25.84 3.00 -7.25
C GLU B 88 -24.44 3.08 -6.64
N SER B 89 -23.56 3.84 -7.27
CA SER B 89 -22.22 4.04 -6.75
C SER B 89 -22.27 4.67 -5.35
N CYS B 90 -23.12 5.68 -5.17
CA CYS B 90 -23.24 6.32 -3.87
C CYS B 90 -23.76 5.33 -2.82
N GLU B 91 -24.70 4.49 -3.21
CA GLU B 91 -25.27 3.54 -2.27
C GLU B 91 -24.24 2.50 -1.83
N LYS B 92 -23.42 2.02 -2.76
CA LYS B 92 -22.39 1.05 -2.42
C LYS B 92 -21.47 1.65 -1.36
N ALA B 93 -21.16 2.94 -1.53
CA ALA B 93 -20.24 3.62 -0.63
C ALA B 93 -20.83 3.74 0.77
N VAL B 94 -22.11 4.11 0.85
CA VAL B 94 -22.79 4.20 2.12
C VAL B 94 -22.76 2.84 2.82
N LYS B 95 -23.06 1.80 2.07
CA LYS B 95 -23.10 0.46 2.60
C LYS B 95 -21.73 -0.03 3.07
N ALA B 96 -20.67 0.45 2.41
CA ALA B 96 -19.31 0.01 2.75
C ALA B 96 -18.73 0.76 3.94
N GLY B 97 -19.32 1.89 4.30
CA GLY B 97 -18.90 2.60 5.50
C GLY B 97 -18.37 4.01 5.31
N PHE B 98 -18.44 4.54 4.09
CA PHE B 98 -18.16 5.96 3.86
C PHE B 98 -19.08 6.79 4.73
N THR B 99 -18.60 7.97 5.15
CA THR B 99 -19.42 8.85 5.99
C THR B 99 -19.81 10.13 5.25
N SER B 100 -19.46 10.18 3.96
CA SER B 100 -19.76 11.32 3.10
C SER B 100 -19.74 10.87 1.64
N VAL B 101 -20.66 11.38 0.82
CA VAL B 101 -20.62 11.05 -0.59
C VAL B 101 -20.97 12.23 -1.48
N MET B 102 -20.19 12.43 -2.53
CA MET B 102 -20.56 13.38 -3.57
C MET B 102 -21.37 12.66 -4.62
N ILE B 103 -22.53 13.21 -4.96
CA ILE B 103 -23.25 12.79 -6.15
C ILE B 103 -23.10 13.93 -7.15
N ASP B 104 -22.37 13.64 -8.21
CA ASP B 104 -22.02 14.66 -9.20
C ASP B 104 -22.81 14.44 -10.49
N ALA B 105 -23.83 15.26 -10.69
CA ALA B 105 -24.62 15.27 -11.91
C ALA B 105 -24.64 16.69 -12.48
N SER B 106 -23.52 17.37 -12.34
CA SER B 106 -23.42 18.78 -12.71
C SER B 106 -23.64 19.00 -14.20
N HIS B 107 -23.27 18.01 -15.02
CA HIS B 107 -23.37 18.11 -16.47
C HIS B 107 -24.79 17.88 -16.99
N HIS B 108 -25.67 17.40 -16.12
CA HIS B 108 -27.08 17.19 -16.50
C HIS B 108 -27.86 18.50 -16.47
N ALA B 109 -29.07 18.48 -17.01
CA ALA B 109 -29.97 19.61 -16.84
C ALA B 109 -30.25 19.79 -15.36
N PHE B 110 -30.48 21.04 -14.96
CA PHE B 110 -30.70 21.37 -13.56
C PHE B 110 -31.71 20.43 -12.90
N GLU B 111 -32.75 20.10 -13.66
CA GLU B 111 -33.85 19.29 -13.16
C GLU B 111 -33.41 17.85 -12.88
N GLU B 112 -32.60 17.27 -13.77
CA GLU B 112 -32.14 15.88 -13.59
C GLU B 112 -31.19 15.85 -12.39
N ASN B 113 -30.31 16.84 -12.33
CA ASN B 113 -29.32 16.97 -11.25
C ASN B 113 -30.02 17.02 -9.89
N LEU B 114 -31.00 17.90 -9.77
CA LEU B 114 -31.74 18.05 -8.51
C LEU B 114 -32.47 16.76 -8.17
N GLU B 115 -32.98 16.08 -9.18
CA GLU B 115 -33.74 14.85 -8.98
C GLU B 115 -32.83 13.73 -8.44
N LEU B 116 -31.73 13.49 -9.14
CA LEU B 116 -30.78 12.46 -8.71
C LEU B 116 -30.17 12.80 -7.36
N THR B 117 -29.89 14.07 -7.13
CA THR B 117 -29.25 14.48 -5.89
C THR B 117 -30.21 14.26 -4.73
N SER B 118 -31.49 14.56 -4.94
CA SER B 118 -32.48 14.38 -3.89
C SER B 118 -32.66 12.90 -3.51
N LYS B 119 -32.51 12.02 -4.49
CA LYS B 119 -32.59 10.58 -4.26
C LYS B 119 -31.41 10.09 -3.40
N VAL B 120 -30.20 10.51 -3.77
CA VAL B 120 -29.01 10.16 -2.99
C VAL B 120 -29.14 10.67 -1.55
N VAL B 121 -29.56 11.93 -1.39
CA VAL B 121 -29.65 12.55 -0.07
C VAL B 121 -30.61 11.78 0.83
N LYS B 122 -31.70 11.28 0.26
CA LYS B 122 -32.70 10.54 1.03
C LYS B 122 -32.10 9.25 1.58
N MET B 123 -31.47 8.48 0.70
CA MET B 123 -30.80 7.23 1.10
C MET B 123 -29.70 7.50 2.13
N ALA B 124 -28.77 8.39 1.78
CA ALA B 124 -27.62 8.69 2.62
C ALA B 124 -28.01 9.20 4.02
N HIS B 125 -28.93 10.17 4.05
CA HIS B 125 -29.39 10.71 5.32
C HIS B 125 -30.05 9.63 6.17
N ASN B 126 -30.72 8.70 5.50
CA ASN B 126 -31.35 7.58 6.18
C ASN B 126 -30.30 6.73 6.89
N ALA B 127 -29.07 6.77 6.39
CA ALA B 127 -27.99 5.96 6.94
C ALA B 127 -27.00 6.79 7.76
N GLY B 128 -27.27 8.08 7.89
CA GLY B 128 -26.46 8.94 8.74
C GLY B 128 -25.17 9.40 8.07
N VAL B 129 -25.19 9.57 6.75
CA VAL B 129 -24.01 10.08 6.06
C VAL B 129 -24.37 11.33 5.28
N SER B 130 -23.39 12.20 5.13
CA SER B 130 -23.59 13.52 4.55
C SER B 130 -23.43 13.46 3.04
N VAL B 131 -23.95 14.46 2.35
CA VAL B 131 -23.95 14.44 0.89
C VAL B 131 -23.48 15.77 0.33
N GLU B 132 -22.63 15.68 -0.69
CA GLU B 132 -22.20 16.84 -1.45
C GLU B 132 -22.76 16.71 -2.86
N ALA B 133 -23.18 17.83 -3.45
CA ALA B 133 -23.59 17.84 -4.86
C ALA B 133 -22.91 19.01 -5.57
N GLU B 134 -23.06 19.09 -6.89
CA GLU B 134 -22.34 20.12 -7.65
C GLU B 134 -23.20 20.85 -8.66
N LEU B 135 -23.00 22.16 -8.75
CA LEU B 135 -23.69 22.99 -9.73
C LEU B 135 -22.70 23.81 -10.53
N GLY B 136 -22.81 23.74 -11.85
CA GLY B 136 -21.93 24.51 -12.71
C GLY B 136 -20.83 23.68 -13.34
N ARG B 137 -20.22 24.26 -14.35
CA ARG B 137 -19.11 23.66 -15.08
C ARG B 137 -17.78 24.04 -14.44
N LEU B 138 -17.02 23.04 -14.01
CA LEU B 138 -15.69 23.26 -13.46
C LEU B 138 -14.65 23.41 -14.58
N MET B 139 -14.51 24.63 -15.10
CA MET B 139 -13.50 24.92 -16.10
C MET B 139 -12.94 26.35 -15.93
N ALA B 152 -23.88 31.87 -16.43
CA ALA B 152 -23.70 31.18 -17.69
C ALA B 152 -23.15 29.78 -17.48
N VAL B 153 -21.84 29.64 -17.53
CA VAL B 153 -21.18 28.34 -17.36
C VAL B 153 -20.73 28.13 -15.90
N LEU B 154 -20.77 29.20 -15.11
CA LEU B 154 -20.48 29.11 -13.68
C LEU B 154 -21.78 28.86 -12.95
N VAL B 155 -21.71 28.67 -11.63
CA VAL B 155 -22.90 28.42 -10.84
C VAL B 155 -23.87 29.59 -10.96
N ASN B 156 -25.16 29.27 -10.98
CA ASN B 156 -26.20 30.29 -10.96
C ASN B 156 -26.72 30.40 -9.52
N PRO B 157 -26.37 31.48 -8.82
CA PRO B 157 -26.70 31.60 -7.39
C PRO B 157 -28.16 31.32 -7.06
N LYS B 158 -29.09 31.71 -7.92
CA LYS B 158 -30.51 31.46 -7.66
C LYS B 158 -30.86 29.98 -7.87
N GLU B 159 -30.19 29.33 -8.81
CA GLU B 159 -30.33 27.89 -8.97
C GLU B 159 -29.82 27.24 -7.70
N ALA B 160 -28.65 27.64 -7.25
CA ALA B 160 -28.05 27.05 -6.07
C ALA B 160 -28.97 27.20 -4.86
N GLU B 161 -29.56 28.37 -4.67
CA GLU B 161 -30.46 28.57 -3.53
C GLU B 161 -31.60 27.56 -3.56
N GLN B 162 -32.21 27.37 -4.74
CA GLN B 162 -33.33 26.46 -4.86
C GLN B 162 -32.88 25.02 -4.72
N PHE B 163 -31.76 24.70 -5.36
CA PHE B 163 -31.19 23.36 -5.36
C PHE B 163 -30.98 22.88 -3.93
N VAL B 164 -30.40 23.74 -3.09
CA VAL B 164 -30.08 23.39 -1.71
C VAL B 164 -31.34 23.21 -0.86
N LYS B 165 -32.31 24.12 -1.01
CA LYS B 165 -33.52 24.04 -0.21
C LYS B 165 -34.35 22.78 -0.53
N GLU B 166 -34.46 22.44 -1.79
CA GLU B 166 -35.30 21.32 -2.20
C GLU B 166 -34.60 19.97 -1.99
N SER B 167 -33.31 19.91 -2.31
CA SER B 167 -32.57 18.65 -2.24
C SER B 167 -32.13 18.32 -0.81
N GLN B 168 -31.94 19.34 0.02
CA GLN B 168 -31.48 19.17 1.40
C GLN B 168 -30.04 18.65 1.50
N VAL B 169 -29.27 18.76 0.43
CA VAL B 169 -27.85 18.40 0.47
C VAL B 169 -27.15 19.14 1.59
N ASP B 170 -26.11 18.52 2.14
CA ASP B 170 -25.40 19.09 3.26
C ASP B 170 -24.36 20.10 2.81
N TYR B 171 -23.68 19.84 1.70
CA TYR B 171 -22.78 20.84 1.15
C TYR B 171 -22.76 20.85 -0.37
N LEU B 172 -22.38 21.99 -0.94
CA LEU B 172 -22.52 22.22 -2.35
C LEU B 172 -21.17 22.64 -2.93
N ALA B 173 -20.91 22.23 -4.15
CA ALA B 173 -19.70 22.59 -4.87
C ALA B 173 -20.09 23.54 -5.98
N PRO B 174 -19.82 24.83 -5.79
CA PRO B 174 -20.24 25.77 -6.84
C PRO B 174 -19.07 26.06 -7.78
N ALA B 175 -19.28 25.91 -9.08
CA ALA B 175 -18.23 26.23 -10.04
C ALA B 175 -18.01 27.73 -10.06
N ILE B 176 -16.76 28.16 -9.87
CA ILE B 176 -16.45 29.58 -9.82
C ILE B 176 -15.15 29.90 -10.58
N GLY B 177 -14.64 28.96 -11.35
CA GLY B 177 -13.46 29.26 -12.14
C GLY B 177 -12.34 28.24 -12.07
N THR B 178 -12.41 27.32 -11.12
CA THR B 178 -11.39 26.29 -11.02
C THR B 178 -11.71 25.15 -11.96
N SER B 179 -10.76 24.22 -12.05
CA SER B 179 -10.94 22.98 -12.79
C SER B 179 -9.86 22.02 -12.31
N HIS B 180 -10.06 20.75 -12.60
CA HIS B 180 -9.13 19.73 -12.13
C HIS B 180 -7.78 19.78 -12.81
N GLY B 181 -6.74 19.37 -12.09
CA GLY B 181 -5.45 19.09 -12.68
C GLY B 181 -4.47 20.25 -12.68
N ALA B 182 -3.32 20.02 -13.30
CA ALA B 182 -2.19 20.93 -13.22
C ALA B 182 -2.27 22.13 -14.16
N PHE B 183 -3.26 22.13 -15.06
CA PHE B 183 -3.33 23.17 -16.09
C PHE B 183 -4.62 23.97 -16.00
N LYS B 184 -4.75 24.76 -14.94
CA LYS B 184 -6.01 25.41 -14.58
C LYS B 184 -6.27 26.72 -15.32
N PHE B 185 -5.21 27.41 -15.71
CA PHE B 185 -5.34 28.72 -16.36
C PHE B 185 -4.38 28.88 -17.54
N LYS B 186 -4.91 29.30 -18.69
CA LYS B 186 -4.09 29.65 -19.84
C LYS B 186 -3.31 30.91 -19.55
N GLY B 187 -3.97 31.86 -18.90
CA GLY B 187 -3.35 33.12 -18.55
C GLY B 187 -3.29 33.33 -17.05
N GLU B 188 -3.76 34.47 -16.60
CA GLU B 188 -3.74 34.82 -15.18
C GLU B 188 -4.90 34.15 -14.45
N PRO B 189 -4.65 33.71 -13.21
CA PRO B 189 -5.71 33.10 -12.39
C PRO B 189 -6.86 34.05 -12.11
N LYS B 190 -8.08 33.56 -12.22
CA LYS B 190 -9.27 34.31 -11.84
C LYS B 190 -10.33 33.38 -11.30
N LEU B 191 -10.98 33.79 -10.22
CA LEU B 191 -12.15 33.09 -9.72
C LEU B 191 -13.26 34.11 -9.52
N ASP B 192 -14.50 33.68 -9.67
CA ASP B 192 -15.63 34.58 -9.44
C ASP B 192 -16.00 34.59 -7.96
N PHE B 193 -15.24 35.35 -7.18
CA PHE B 193 -15.50 35.47 -5.76
C PHE B 193 -16.84 36.13 -5.47
N GLU B 194 -17.30 37.00 -6.36
CA GLU B 194 -18.63 37.60 -6.22
C GLU B 194 -19.71 36.52 -6.26
N ARG B 195 -19.62 35.64 -7.24
CA ARG B 195 -20.54 34.52 -7.35
C ARG B 195 -20.47 33.66 -6.09
N LEU B 196 -19.27 33.33 -5.64
CA LEU B 196 -19.09 32.54 -4.43
C LEU B 196 -19.87 33.10 -3.25
N GLN B 197 -19.71 34.40 -3.01
CA GLN B 197 -20.32 35.04 -1.85
C GLN B 197 -21.84 35.05 -1.94
N GLU B 198 -22.36 35.19 -3.14
CA GLU B 198 -23.80 35.18 -3.35
C GLU B 198 -24.35 33.79 -3.07
N VAL B 199 -23.62 32.77 -3.52
CA VAL B 199 -24.04 31.40 -3.28
C VAL B 199 -24.06 31.18 -1.78
N LYS B 200 -23.00 31.60 -1.11
CA LYS B 200 -22.90 31.43 0.34
C LYS B 200 -24.06 32.13 1.04
N ARG B 201 -24.35 33.37 0.65
CA ARG B 201 -25.42 34.11 1.27
C ARG B 201 -26.78 33.40 1.13
N LEU B 202 -27.05 32.89 -0.07
CA LEU B 202 -28.36 32.29 -0.37
C LEU B 202 -28.54 30.86 0.13
N THR B 203 -27.44 30.13 0.29
CA THR B 203 -27.51 28.73 0.74
C THR B 203 -27.24 28.56 2.23
N ASN B 204 -26.25 29.30 2.74
CA ASN B 204 -25.90 29.26 4.16
C ASN B 204 -25.46 27.86 4.63
N ILE B 205 -24.82 27.12 3.74
CA ILE B 205 -24.26 25.82 4.10
C ILE B 205 -22.78 25.78 3.75
N PRO B 206 -22.07 24.76 4.22
CA PRO B 206 -20.66 24.65 3.82
C PRO B 206 -20.53 24.50 2.31
N LEU B 207 -19.49 25.11 1.74
CA LEU B 207 -19.30 25.06 0.31
C LEU B 207 -17.98 24.35 -0.02
N VAL B 208 -17.89 23.77 -1.22
CA VAL B 208 -16.75 22.95 -1.61
C VAL B 208 -16.06 23.53 -2.83
N LEU B 209 -14.75 23.71 -2.74
CA LEU B 209 -13.96 24.08 -3.91
C LEU B 209 -13.25 22.88 -4.52
N HIS B 210 -13.62 22.52 -5.75
CA HIS B 210 -12.87 21.51 -6.48
C HIS B 210 -11.76 22.19 -7.25
N GLY B 211 -10.81 21.42 -7.78
CA GLY B 211 -9.72 21.97 -8.57
C GLY B 211 -8.90 22.96 -7.76
N ALA B 212 -8.63 22.64 -6.50
CA ALA B 212 -8.03 23.57 -5.55
C ALA B 212 -6.51 23.46 -5.41
N SER B 213 -5.85 22.59 -6.17
CA SER B 213 -4.39 22.50 -6.07
C SER B 213 -3.75 23.82 -6.48
N ALA B 214 -2.61 24.11 -5.86
CA ALA B 214 -1.92 25.38 -6.03
C ALA B 214 -0.69 25.22 -6.92
N ILE B 215 -0.27 23.98 -7.08
CA ILE B 215 1.07 23.66 -7.60
C ILE B 215 2.11 24.62 -7.03
N PRO B 216 2.45 24.46 -5.74
CA PRO B 216 3.41 25.36 -5.07
C PRO B 216 4.80 25.36 -5.72
N ASP B 217 5.53 26.45 -5.51
CA ASP B 217 6.85 26.61 -6.12
C ASP B 217 7.84 25.50 -5.76
N ASN B 218 7.91 25.11 -4.49
CA ASN B 218 8.84 24.07 -4.09
C ASN B 218 8.51 22.73 -4.74
N VAL B 219 7.22 22.42 -4.84
CA VAL B 219 6.78 21.16 -5.46
C VAL B 219 7.09 21.14 -6.96
N ARG B 220 6.84 22.26 -7.63
CA ARG B 220 7.08 22.33 -9.06
C ARG B 220 8.56 22.14 -9.29
N LYS B 221 9.37 22.79 -8.46
CA LYS B 221 10.82 22.71 -8.59
C LYS B 221 11.36 21.30 -8.33
N SER B 222 10.79 20.61 -7.35
CA SER B 222 11.24 19.25 -7.08
C SER B 222 10.91 18.37 -8.26
N TYR B 223 9.75 18.60 -8.86
CA TYR B 223 9.32 17.79 -9.98
C TYR B 223 10.21 18.03 -11.19
N LEU B 224 10.51 19.30 -11.49
CA LEU B 224 11.39 19.63 -12.61
C LEU B 224 12.84 19.19 -12.37
N ASP B 225 13.35 19.37 -11.16
CA ASP B 225 14.69 18.92 -10.82
C ASP B 225 14.82 17.41 -11.04
N ALA B 226 13.73 16.68 -10.83
CA ALA B 226 13.73 15.23 -10.98
C ALA B 226 13.52 14.77 -12.45
N GLY B 227 13.50 15.72 -13.38
CA GLY B 227 13.40 15.39 -14.78
C GLY B 227 12.00 15.53 -15.34
N GLY B 228 11.05 15.79 -14.46
CA GLY B 228 9.65 15.89 -14.87
C GLY B 228 9.37 17.07 -15.77
N ASP B 229 8.21 17.05 -16.42
CA ASP B 229 7.77 18.09 -17.32
C ASP B 229 6.46 18.66 -16.77
N LEU B 230 6.44 19.95 -16.50
CA LEU B 230 5.24 20.63 -16.01
C LEU B 230 5.00 21.92 -16.79
N LYS B 231 5.54 21.98 -18.01
CA LYS B 231 5.41 23.15 -18.86
C LYS B 231 3.96 23.62 -18.97
N GLY B 232 3.73 24.89 -18.62
CA GLY B 232 2.43 25.50 -18.80
C GLY B 232 1.50 25.30 -17.62
N SER B 233 1.90 24.48 -16.66
CA SER B 233 1.06 24.18 -15.52
C SER B 233 0.88 25.42 -14.65
N LYS B 234 -0.32 25.56 -14.10
CA LYS B 234 -0.64 26.67 -13.22
C LYS B 234 -1.78 26.24 -12.29
N GLY B 235 -1.62 26.49 -11.00
CA GLY B 235 -2.64 26.18 -10.03
C GLY B 235 -3.27 27.43 -9.46
N VAL B 236 -4.16 27.24 -8.47
CA VAL B 236 -4.77 28.35 -7.74
C VAL B 236 -3.75 28.95 -6.77
N PRO B 237 -3.47 30.26 -6.89
CA PRO B 237 -2.52 30.90 -5.98
C PRO B 237 -2.95 30.75 -4.52
N PHE B 238 -1.98 30.69 -3.61
CA PHE B 238 -2.29 30.53 -2.19
C PHE B 238 -3.27 31.63 -1.75
N GLU B 239 -3.02 32.84 -2.22
CA GLU B 239 -3.83 33.99 -1.85
C GLU B 239 -5.29 33.79 -2.27
N PHE B 240 -5.50 33.20 -3.46
CA PHE B 240 -6.85 32.94 -3.94
C PHE B 240 -7.55 31.88 -3.09
N LEU B 241 -6.82 30.86 -2.67
CA LEU B 241 -7.37 29.83 -1.79
C LEU B 241 -7.87 30.48 -0.51
N GLN B 242 -7.03 31.30 0.10
CA GLN B 242 -7.41 32.00 1.31
C GLN B 242 -8.65 32.87 1.06
N GLU B 243 -8.69 33.57 -0.07
CA GLU B 243 -9.86 34.36 -0.42
C GLU B 243 -11.11 33.49 -0.55
N SER B 244 -10.94 32.26 -1.08
CA SER B 244 -12.07 31.33 -1.20
C SER B 244 -12.63 30.95 0.17
N VAL B 245 -11.75 30.66 1.11
CA VAL B 245 -12.17 30.26 2.43
C VAL B 245 -12.93 31.43 3.06
N LYS B 246 -12.40 32.63 2.88
CA LYS B 246 -13.06 33.84 3.41
C LYS B 246 -14.43 34.03 2.79
N GLY B 247 -14.57 33.62 1.52
CA GLY B 247 -15.83 33.75 0.82
C GLY B 247 -16.85 32.68 1.18
N GLY B 248 -16.43 31.67 1.94
CA GLY B 248 -17.37 30.66 2.40
C GLY B 248 -17.02 29.23 2.02
N ILE B 249 -15.89 29.04 1.34
CA ILE B 249 -15.41 27.67 1.06
C ILE B 249 -14.97 27.00 2.37
N ASN B 250 -15.45 25.78 2.62
CA ASN B 250 -15.13 25.06 3.85
C ASN B 250 -14.51 23.69 3.60
N LYS B 251 -14.61 23.19 2.38
CA LYS B 251 -14.00 21.92 1.97
C LYS B 251 -13.20 22.20 0.71
N VAL B 252 -11.93 21.83 0.73
CA VAL B 252 -11.02 22.21 -0.35
C VAL B 252 -10.34 20.98 -0.95
N ASN B 253 -10.87 20.50 -2.07
CA ASN B 253 -10.35 19.29 -2.73
C ASN B 253 -8.98 19.46 -3.32
N THR B 254 -8.05 18.63 -2.83
CA THR B 254 -6.64 18.77 -3.16
C THR B 254 -6.07 17.39 -3.45
N ASP B 255 -5.52 17.23 -4.65
CA ASP B 255 -5.15 15.92 -5.17
C ASP B 255 -3.89 16.04 -6.01
N THR B 256 -3.95 16.82 -7.08
CA THR B 256 -2.80 17.05 -7.96
C THR B 256 -1.51 17.41 -7.21
N ASP B 257 -1.58 18.39 -6.32
CA ASP B 257 -0.39 18.81 -5.55
C ASP B 257 0.28 17.64 -4.85
N LEU B 258 -0.52 16.77 -4.25
CA LEU B 258 0.02 15.64 -3.52
C LEU B 258 0.74 14.70 -4.47
N ARG B 259 0.15 14.45 -5.63
CA ARG B 259 0.75 13.49 -6.56
C ARG B 259 2.05 13.99 -7.15
N ILE B 260 2.13 15.27 -7.49
CA ILE B 260 3.35 15.83 -8.05
C ILE B 260 4.46 15.75 -6.99
N ALA B 261 4.13 16.09 -5.76
CA ALA B 261 5.13 16.06 -4.70
C ALA B 261 5.63 14.63 -4.51
N PHE B 262 4.69 13.70 -4.45
CA PHE B 262 5.00 12.29 -4.25
C PHE B 262 5.86 11.75 -5.38
N ILE B 263 5.40 11.94 -6.62
CA ILE B 263 6.09 11.35 -7.77
C ILE B 263 7.43 12.03 -8.03
N ALA B 264 7.55 13.29 -7.66
CA ALA B 264 8.83 13.99 -7.79
C ALA B 264 9.94 13.22 -7.05
N GLU B 265 9.64 12.75 -5.84
CA GLU B 265 10.62 12.04 -5.03
C GLU B 265 10.89 10.62 -5.56
N VAL B 266 9.85 10.00 -6.11
CA VAL B 266 10.02 8.70 -6.75
C VAL B 266 10.96 8.81 -7.94
N ARG B 267 10.79 9.86 -8.73
CA ARG B 267 11.59 10.08 -9.92
C ARG B 267 13.04 10.33 -9.52
N LYS B 268 13.21 11.12 -8.47
CA LYS B 268 14.55 11.46 -7.99
C LYS B 268 15.32 10.22 -7.56
N VAL B 269 14.69 9.37 -6.76
CA VAL B 269 15.34 8.15 -6.30
C VAL B 269 15.75 7.28 -7.49
N ALA B 270 14.86 7.16 -8.48
CA ALA B 270 15.13 6.36 -9.67
C ALA B 270 16.34 6.92 -10.42
N ASN B 271 16.37 8.25 -10.52
CA ASN B 271 17.48 8.96 -11.18
C ASN B 271 18.82 8.78 -10.48
N GLU B 272 18.83 8.86 -9.17
CA GLU B 272 20.08 8.98 -8.43
C GLU B 272 20.74 7.64 -8.05
N ASP B 273 19.98 6.54 -8.10
CA ASP B 273 20.57 5.22 -7.85
C ASP B 273 19.90 4.15 -8.71
N LYS B 274 20.54 3.78 -9.80
CA LYS B 274 19.98 2.84 -10.75
C LYS B 274 19.85 1.42 -10.17
N SER B 275 20.54 1.18 -9.06
CA SER B 275 20.52 -0.15 -8.46
C SER B 275 19.50 -0.25 -7.34
N GLN B 276 18.76 0.82 -7.09
CA GLN B 276 17.83 0.82 -5.96
C GLN B 276 16.51 0.16 -6.35
N PHE B 277 16.13 -0.89 -5.64
CA PHE B 277 14.80 -1.46 -5.89
C PHE B 277 14.07 -1.88 -4.61
N ASP B 278 14.46 -1.27 -3.49
CA ASP B 278 13.70 -1.38 -2.26
C ASP B 278 12.57 -0.36 -2.33
N LEU B 279 11.33 -0.82 -2.37
CA LEU B 279 10.19 0.08 -2.50
C LEU B 279 10.21 1.17 -1.43
N ARG B 280 10.63 0.80 -0.23
CA ARG B 280 10.58 1.75 0.88
C ARG B 280 11.51 2.94 0.65
N LYS B 281 12.64 2.69 -0.01
CA LYS B 281 13.59 3.74 -0.33
C LYS B 281 13.01 4.75 -1.32
N PHE B 282 12.05 4.33 -2.13
CA PHE B 282 11.36 5.24 -3.03
C PHE B 282 10.24 5.96 -2.31
N PHE B 283 9.48 5.23 -1.51
CA PHE B 283 8.21 5.74 -1.02
C PHE B 283 8.30 6.47 0.32
N SER B 284 9.36 6.25 1.07
CA SER B 284 9.57 7.00 2.30
C SER B 284 9.77 8.49 1.99
N PRO B 285 10.71 8.84 1.10
CA PRO B 285 10.86 10.26 0.73
C PRO B 285 9.61 10.84 0.08
N ALA B 286 8.93 10.02 -0.71
CA ALA B 286 7.72 10.46 -1.41
C ALA B 286 6.64 10.76 -0.38
N GLN B 287 6.50 9.90 0.63
CA GLN B 287 5.55 10.16 1.71
C GLN B 287 5.87 11.48 2.42
N LEU B 288 7.15 11.72 2.68
CA LEU B 288 7.51 12.91 3.45
C LEU B 288 7.15 14.18 2.67
N ALA B 289 7.44 14.18 1.37
CA ALA B 289 7.11 15.34 0.55
C ALA B 289 5.60 15.54 0.49
N LEU B 290 4.84 14.44 0.44
CA LEU B 290 3.38 14.54 0.36
C LEU B 290 2.85 15.07 1.67
N LYS B 291 3.33 14.51 2.77
CA LYS B 291 2.96 14.99 4.08
C LYS B 291 3.20 16.49 4.20
N ASN B 292 4.33 16.94 3.69
CA ASN B 292 4.71 18.35 3.88
C ASN B 292 3.85 19.28 3.05
N VAL B 293 3.44 18.84 1.87
CA VAL B 293 2.50 19.61 1.09
C VAL B 293 1.20 19.76 1.88
N VAL B 294 0.76 18.66 2.48
CA VAL B 294 -0.55 18.67 3.16
C VAL B 294 -0.50 19.50 4.46
N LYS B 295 0.58 19.39 5.21
CA LYS B 295 0.77 20.20 6.42
C LYS B 295 0.67 21.68 6.10
N GLU B 296 1.40 22.13 5.09
CA GLU B 296 1.40 23.55 4.73
C GLU B 296 0.00 23.97 4.33
N ARG B 297 -0.71 23.12 3.59
CA ARG B 297 -2.04 23.45 3.12
C ARG B 297 -3.01 23.54 4.30
N MET B 298 -2.83 22.66 5.28
CA MET B 298 -3.64 22.71 6.49
C MET B 298 -3.48 24.09 7.16
N LYS B 299 -2.24 24.56 7.26
CA LYS B 299 -1.98 25.87 7.87
C LYS B 299 -2.63 26.97 7.03
N LEU B 300 -2.48 26.88 5.71
CA LEU B 300 -3.02 27.90 4.80
C LEU B 300 -4.54 28.01 4.92
N LEU B 301 -5.21 26.87 5.02
CA LEU B 301 -6.66 26.86 4.98
C LEU B 301 -7.28 27.16 6.34
N GLY B 302 -6.45 27.10 7.37
CA GLY B 302 -6.90 27.43 8.71
C GLY B 302 -7.44 26.26 9.51
N SER B 303 -7.28 25.03 9.01
CA SER B 303 -7.76 23.89 9.77
C SER B 303 -6.70 23.41 10.77
N ALA B 304 -5.47 23.85 10.61
CA ALA B 304 -4.41 23.50 11.58
C ALA B 304 -4.85 23.93 12.97
N ASN B 305 -4.51 23.13 13.97
CA ASN B 305 -4.77 23.44 15.38
C ASN B 305 -6.25 23.67 15.66
N LYS B 306 -7.10 22.81 15.09
CA LYS B 306 -8.53 22.91 15.34
C LYS B 306 -9.04 21.67 16.08
N ILE B 307 -8.11 20.87 16.58
CA ILE B 307 -8.46 19.63 17.27
C ILE B 307 -8.46 19.84 18.78
#